data_5LM8
#
_entry.id   5LM8
#
_cell.length_a   200.709
_cell.length_b   61.346
_cell.length_c   53.836
_cell.angle_alpha   90.00
_cell.angle_beta   95.29
_cell.angle_gamma   90.00
#
_symmetry.space_group_name_H-M   'C 1 2 1'
#
loop_
_entity.id
_entity.type
_entity.pdbx_description
1 polymer "'Multicopper oxidase"
2 branched 2-acetamido-2-deoxy-beta-D-glucopyranose-(1-4)-2-acetamido-2-deoxy-beta-D-glucopyranose
3 branched alpha-D-mannopyranose-(1-3)-[alpha-D-mannopyranose-(1-6)]beta-D-mannopyranose-(1-4)-2-acetamido-2-deoxy-beta-D-glucopyranose-(1-4)-2-acetamido-2-deoxy-beta-D-glucopyranose
4 branched beta-D-mannopyranose-(1-4)-2-acetamido-2-deoxy-beta-D-glucopyranose
5 non-polymer 'COPPER (II) ION'
6 non-polymer 2-acetamido-2-deoxy-beta-D-glucopyranose
7 non-polymer 'PEROXIDE ION'
8 water water
#
_entity_poly.entity_id   1
_entity_poly.type   'polypeptide(L)'
_entity_poly.pdbx_seq_one_letter_code
;NTPWQGYDINTNYYETIPQTNVVREYWFDIVNTTAALDGVERPVLLVNGQFPGPTIEANWGDTVKVHVTNRMENNGTAIH
FHGIRQLYNNQMDGVAALTQCPVPPNSSYTYVWRAEEYGSSWYHSHFSLQAWEGVFGGILIHGPSTAEYDHDLGMVFLND
WSHQTVDEMYQSVLESQNPPHFQTGLINGSNIWVTADNQTVGRRFQTEFVPGQRYRLRLVNAAMHTHFRFSIDNHDLTVI
ASDFVPIVPFTTNNVPIGMGQRYDIIVTANQAPDNYWIRAIPQSFCSDNANSDNIKGVLHYEGAADNSDPTSTKWDYGDD
IQCLDFSLDELVPWLALDADIGGAQMAESDVDFTPFGDVPLYLWTMGGNALNISWKDPTLQQTFEDPDKMDWKASQGVIE
AAIPNKWTVLVVQTDLPVPHPIHLHGHDFYLLAQGFGQFNPQNVTLKTHNPPRRDTALMTAATPENGGGGYMVIGFPADN
PGVWLIHCHIGFHATEGFAQQIVERQSEFNTFFSEDLLENTCDAWDEYAKVNPYGHQYRALAGPYESGI
;
_entity_poly.pdbx_strand_id   A
#
# COMPACT_ATOMS: atom_id res chain seq x y z
N ASN A 1 5.30 18.34 -26.73
CA ASN A 1 6.67 18.62 -26.25
C ASN A 1 7.03 17.73 -25.05
N THR A 2 6.12 16.78 -24.76
CA THR A 2 6.22 15.85 -23.63
C THR A 2 6.41 14.44 -24.21
N PRO A 3 6.87 13.47 -23.38
CA PRO A 3 6.95 12.07 -23.87
C PRO A 3 5.58 11.39 -24.22
N TRP A 4 4.45 12.00 -23.78
CA TRP A 4 3.11 11.46 -24.04
C TRP A 4 2.37 12.36 -25.04
N GLN A 5 3.16 13.04 -25.90
CA GLN A 5 2.54 13.94 -26.89
C GLN A 5 1.45 13.18 -27.66
N GLY A 6 0.30 13.84 -27.89
CA GLY A 6 -0.86 13.22 -28.53
C GLY A 6 -1.85 12.64 -27.53
N TYR A 7 -1.50 12.65 -26.24
CA TYR A 7 -2.37 12.19 -25.13
C TYR A 7 -2.37 13.27 -24.10
N ASP A 8 -3.30 13.21 -23.16
CA ASP A 8 -3.39 14.27 -22.18
C ASP A 8 -4.21 13.81 -21.00
N ILE A 9 -4.57 14.77 -20.15
CA ILE A 9 -5.27 14.49 -18.90
C ILE A 9 -6.67 13.85 -19.12
N ASN A 10 -7.26 14.09 -20.28
CA ASN A 10 -8.60 13.49 -20.52
C ASN A 10 -8.53 12.15 -21.22
N THR A 11 -7.36 11.73 -21.64
CA THR A 11 -7.16 10.39 -22.19
C THR A 11 -7.69 9.33 -21.21
N ASN A 12 -8.45 8.34 -21.70
CA ASN A 12 -8.82 7.23 -20.84
C ASN A 12 -7.65 6.23 -20.76
N TYR A 13 -6.87 6.36 -19.67
CA TYR A 13 -5.70 5.51 -19.40
C TYR A 13 -6.01 4.06 -19.19
N TYR A 14 -7.30 3.69 -19.00
CA TYR A 14 -7.66 2.28 -19.00
C TYR A 14 -7.72 1.63 -20.32
N GLU A 15 -7.83 2.44 -21.40
CA GLU A 15 -8.05 1.97 -22.74
C GLU A 15 -6.90 2.32 -23.67
N THR A 16 -6.08 3.31 -23.31
CA THR A 16 -5.10 3.82 -24.24
C THR A 16 -3.83 4.05 -23.45
N ILE A 17 -2.70 3.64 -24.05
CA ILE A 17 -1.36 3.81 -23.45
C ILE A 17 -0.43 4.43 -24.51
N PRO A 18 0.31 5.52 -24.18
CA PRO A 18 1.30 6.05 -25.15
C PRO A 18 2.33 5.00 -25.60
N GLN A 19 2.79 5.06 -26.85
CA GLN A 19 3.82 4.08 -27.27
C GLN A 19 5.14 4.82 -27.19
N THR A 20 5.95 4.50 -26.20
CA THR A 20 7.27 5.20 -26.05
C THR A 20 8.48 4.36 -26.52
N ASN A 21 8.31 3.06 -26.60
CA ASN A 21 9.39 2.11 -27.03
C ASN A 21 10.52 1.98 -25.98
N VAL A 22 10.44 2.79 -24.94
CA VAL A 22 11.50 2.84 -23.86
C VAL A 22 11.28 1.82 -22.78
N VAL A 23 12.39 1.27 -22.32
CA VAL A 23 12.40 0.30 -21.24
C VAL A 23 13.27 0.92 -20.15
N ARG A 24 12.78 1.00 -18.92
CA ARG A 24 13.57 1.52 -17.80
C ARG A 24 13.99 0.33 -17.00
N GLU A 25 15.29 0.11 -16.85
CA GLU A 25 15.75 -1.13 -16.32
C GLU A 25 16.36 -0.88 -14.96
N TYR A 26 15.90 -1.59 -13.92
CA TYR A 26 16.49 -1.48 -12.64
C TYR A 26 17.06 -2.74 -12.18
N TRP A 27 18.04 -2.62 -11.31
CA TRP A 27 18.59 -3.78 -10.64
CA TRP A 27 18.61 -3.77 -10.66
C TRP A 27 18.47 -3.61 -9.14
N PHE A 28 17.70 -4.48 -8.51
CA PHE A 28 17.47 -4.42 -7.04
C PHE A 28 18.11 -5.55 -6.24
N ASP A 29 19.10 -5.26 -5.41
CA ASP A 29 19.58 -6.30 -4.45
C ASP A 29 18.78 -6.08 -3.17
N ILE A 30 18.22 -7.14 -2.62
CA ILE A 30 17.53 -7.07 -1.35
C ILE A 30 18.52 -7.53 -0.27
N VAL A 31 18.90 -6.61 0.64
CA VAL A 31 20.08 -6.78 1.50
C VAL A 31 19.76 -6.81 2.98
N ASN A 32 20.58 -7.54 3.74
CA ASN A 32 20.35 -7.66 5.15
C ASN A 32 21.41 -6.72 5.79
N THR A 33 20.99 -5.63 6.42
CA THR A 33 21.96 -4.61 6.87
C THR A 33 21.48 -3.89 8.14
N THR A 34 22.09 -2.76 8.48
CA THR A 34 21.65 -2.02 9.69
C THR A 34 21.56 -0.55 9.29
N ALA A 35 20.82 0.25 10.06
CA ALA A 35 20.73 1.68 9.72
C ALA A 35 20.31 2.37 11.01
N ALA A 36 20.62 3.65 11.09
CA ALA A 36 20.30 4.52 12.22
C ALA A 36 19.45 5.69 11.70
N LEU A 37 18.24 5.43 11.23
CA LEU A 37 17.43 6.38 10.42
C LEU A 37 17.02 7.54 11.33
N ASP A 38 16.86 7.27 12.62
CA ASP A 38 16.62 8.38 13.53
C ASP A 38 17.75 8.49 14.61
N GLY A 39 18.93 7.98 14.22
CA GLY A 39 20.13 8.02 15.03
C GLY A 39 20.25 6.84 15.99
N VAL A 40 19.31 5.92 16.03
CA VAL A 40 19.44 4.69 16.80
C VAL A 40 19.68 3.49 15.86
N GLU A 41 20.80 2.85 16.00
CA GLU A 41 21.09 1.66 15.12
C GLU A 41 20.17 0.46 15.33
N ARG A 42 19.74 -0.13 14.21
CA ARG A 42 18.89 -1.35 14.25
C ARG A 42 18.96 -2.13 13.00
N PRO A 43 18.69 -3.45 13.10
CA PRO A 43 18.65 -4.17 11.78
C PRO A 43 17.50 -3.69 10.81
N VAL A 44 17.79 -3.66 9.50
CA VAL A 44 16.81 -3.34 8.42
C VAL A 44 17.05 -4.26 7.19
N LEU A 45 16.05 -4.42 6.29
CA LEU A 45 16.20 -5.21 5.06
C LEU A 45 15.89 -4.10 4.05
N LEU A 46 16.76 -3.90 3.05
CA LEU A 46 16.64 -2.71 2.17
C LEU A 46 16.92 -3.07 0.81
N VAL A 47 16.39 -2.24 -0.08
CA VAL A 47 16.74 -2.31 -1.47
C VAL A 47 18.04 -1.52 -1.70
N ASN A 48 19.06 -2.18 -2.24
CA ASN A 48 20.32 -1.46 -2.52
C ASN A 48 20.86 -0.51 -1.44
N GLY A 49 20.64 -0.90 -0.16
CA GLY A 49 21.28 -0.28 0.98
C GLY A 49 20.65 1.07 1.28
N GLN A 50 19.47 1.35 0.72
CA GLN A 50 18.87 2.68 0.86
C GLN A 50 17.51 2.60 1.58
N PHE A 51 17.16 3.64 2.33
CA PHE A 51 15.79 3.79 2.87
C PHE A 51 15.31 5.24 2.83
N PRO A 52 14.22 5.51 2.09
CA PRO A 52 13.53 4.50 1.30
C PRO A 52 14.40 3.90 0.15
N GLY A 53 13.90 2.84 -0.47
CA GLY A 53 14.65 2.24 -1.66
C GLY A 53 14.67 3.22 -2.78
N PRO A 54 15.52 2.96 -3.77
CA PRO A 54 15.54 3.89 -4.86
C PRO A 54 14.21 4.04 -5.58
N THR A 55 13.93 5.24 -6.14
CA THR A 55 12.66 5.42 -6.86
C THR A 55 12.71 4.79 -8.30
N ILE A 56 11.68 4.07 -8.67
CA ILE A 56 11.49 3.63 -10.00
C ILE A 56 10.81 4.79 -10.71
N GLU A 57 11.46 5.28 -11.77
CA GLU A 57 10.98 6.42 -12.54
C GLU A 57 10.82 6.09 -13.99
N ALA A 58 9.69 6.54 -14.56
CA ALA A 58 9.36 6.16 -15.90
C ALA A 58 8.43 7.22 -16.40
N ASN A 59 8.23 7.25 -17.70
CA ASN A 59 7.16 8.04 -18.32
C ASN A 59 6.00 7.10 -18.66
N TRP A 60 4.82 7.68 -18.62
CA TRP A 60 3.57 6.96 -19.01
C TRP A 60 3.74 6.25 -20.34
N GLY A 61 3.45 4.96 -20.37
CA GLY A 61 3.71 4.18 -21.60
C GLY A 61 5.01 3.40 -21.65
N ASP A 62 6.03 3.79 -20.88
CA ASP A 62 7.25 2.95 -20.82
C ASP A 62 6.98 1.55 -20.33
N THR A 63 7.93 0.67 -20.58
CA THR A 63 8.02 -0.63 -19.96
C THR A 63 9.11 -0.56 -18.85
N VAL A 64 8.87 -1.22 -17.70
CA VAL A 64 9.82 -1.19 -16.60
C VAL A 64 10.23 -2.61 -16.40
N LYS A 65 11.53 -2.78 -16.21
CA LYS A 65 12.06 -4.07 -16.06
C LYS A 65 12.93 -4.05 -14.82
N VAL A 66 12.52 -4.80 -13.77
CA VAL A 66 13.19 -4.86 -12.50
C VAL A 66 13.79 -6.20 -12.12
N HIS A 67 15.13 -6.25 -11.99
CA HIS A 67 15.80 -7.51 -11.64
C HIS A 67 15.96 -7.49 -10.20
N VAL A 68 15.30 -8.42 -9.55
CA VAL A 68 15.39 -8.57 -8.17
C VAL A 68 16.24 -9.75 -7.76
N THR A 69 17.30 -9.52 -6.97
CA THR A 69 18.13 -10.63 -6.50
C THR A 69 18.13 -10.56 -4.95
N ASN A 70 17.89 -11.71 -4.35
CA ASN A 70 17.75 -11.87 -2.91
C ASN A 70 19.17 -12.01 -2.30
N ARG A 71 19.66 -10.98 -1.58
CA ARG A 71 21.01 -11.09 -1.00
C ARG A 71 20.98 -11.32 0.47
N MET A 72 19.82 -11.80 0.92
CA MET A 72 19.61 -12.04 2.32
C MET A 72 19.97 -13.49 2.62
N GLU A 73 19.86 -13.93 3.85
CA GLU A 73 20.13 -15.33 4.14
C GLU A 73 18.90 -16.07 4.64
N ASN A 74 18.06 -15.39 5.43
CA ASN A 74 16.96 -16.02 6.14
C ASN A 74 15.51 -15.58 5.81
N ASN A 75 15.32 -14.94 4.66
CA ASN A 75 14.00 -14.66 4.10
C ASN A 75 13.97 -14.98 2.59
N GLY A 76 12.83 -15.44 2.08
CA GLY A 76 12.56 -15.27 0.63
C GLY A 76 12.16 -13.84 0.36
N THR A 77 11.86 -13.56 -0.91
CA THR A 77 11.42 -12.23 -1.27
C THR A 77 10.48 -12.30 -2.44
N ALA A 78 9.69 -11.25 -2.58
CA ALA A 78 8.87 -11.02 -3.75
C ALA A 78 8.49 -9.55 -3.72
N ILE A 79 8.55 -8.88 -4.90
CA ILE A 79 8.31 -7.48 -5.03
C ILE A 79 7.02 -7.24 -5.74
N HIS A 80 6.14 -6.46 -5.06
CA HIS A 80 4.85 -6.09 -5.63
C HIS A 80 4.90 -4.61 -6.01
N PHE A 81 4.31 -4.27 -7.16
CA PHE A 81 4.31 -2.88 -7.56
C PHE A 81 2.91 -2.32 -7.35
N HIS A 82 2.76 -1.48 -6.34
CA HIS A 82 1.45 -1.30 -5.74
C HIS A 82 0.67 -0.45 -6.67
N GLY A 83 -0.56 -0.87 -6.95
CA GLY A 83 -1.38 -0.05 -7.87
C GLY A 83 -1.10 -0.19 -9.36
N ILE A 84 -0.04 -0.90 -9.70
CA ILE A 84 0.21 -1.14 -11.15
C ILE A 84 -0.84 -2.18 -11.67
N ARG A 85 -1.53 -1.83 -12.74
CA ARG A 85 -2.70 -2.63 -13.15
C ARG A 85 -2.27 -4.06 -13.56
N GLN A 86 -1.14 -4.22 -14.22
CA GLN A 86 -0.64 -5.54 -14.63
C GLN A 86 -1.73 -6.17 -15.50
N LEU A 87 -2.21 -5.45 -16.56
CA LEU A 87 -3.29 -5.95 -17.39
C LEU A 87 -2.72 -7.06 -18.22
N TYR A 88 -3.38 -8.23 -18.17
CA TYR A 88 -2.84 -9.51 -18.80
C TYR A 88 -1.38 -9.79 -18.39
N ASN A 89 -1.03 -9.47 -17.13
CA ASN A 89 0.38 -9.57 -16.69
C ASN A 89 0.43 -9.99 -15.27
N ASN A 90 -0.57 -10.76 -14.84
CA ASN A 90 -0.74 -11.15 -13.42
C ASN A 90 0.50 -11.83 -12.88
N GLN A 91 1.28 -12.56 -13.69
CA GLN A 91 2.37 -13.32 -13.09
C GLN A 91 3.52 -12.35 -12.67
N MET A 92 3.37 -11.06 -12.96
CA MET A 92 4.38 -10.06 -12.58
C MET A 92 3.93 -9.26 -11.35
N ASP A 93 2.85 -9.71 -10.72
CA ASP A 93 2.27 -8.92 -9.67
C ASP A 93 3.10 -9.04 -8.35
N GLY A 94 3.81 -10.16 -8.14
CA GLY A 94 4.85 -10.23 -7.12
C GLY A 94 4.23 -10.61 -5.79
N VAL A 95 3.15 -11.42 -5.83
CA VAL A 95 2.52 -11.94 -4.64
C VAL A 95 2.87 -13.40 -4.42
N ALA A 96 3.79 -13.64 -3.47
CA ALA A 96 4.07 -15.00 -3.03
C ALA A 96 2.81 -15.72 -2.59
N ALA A 97 2.71 -17.01 -2.96
CA ALA A 97 1.51 -17.84 -2.71
C ALA A 97 0.38 -17.64 -3.76
N LEU A 98 0.44 -16.58 -4.59
CA LEU A 98 -0.61 -16.31 -5.63
C LEU A 98 0.02 -16.44 -6.98
N THR A 99 0.96 -15.58 -7.26
CA THR A 99 1.49 -15.46 -8.62
C THR A 99 2.89 -16.06 -8.76
N GLN A 100 3.52 -16.45 -7.64
CA GLN A 100 4.91 -16.94 -7.67
C GLN A 100 5.22 -17.60 -6.33
N CYS A 101 6.29 -18.42 -6.34
CA CYS A 101 6.90 -18.85 -5.10
C CYS A 101 7.81 -17.68 -4.62
N PRO A 102 8.16 -17.67 -3.36
CA PRO A 102 9.16 -16.60 -2.96
C PRO A 102 10.52 -16.87 -3.59
N VAL A 103 11.29 -15.81 -3.79
CA VAL A 103 12.63 -15.93 -4.41
C VAL A 103 13.61 -16.17 -3.25
N PRO A 104 14.38 -17.27 -3.32
CA PRO A 104 15.24 -17.57 -2.21
C PRO A 104 16.57 -16.78 -2.32
N PRO A 105 17.30 -16.67 -1.20
CA PRO A 105 18.67 -16.16 -1.17
C PRO A 105 19.49 -16.68 -2.35
N ASN A 106 20.23 -15.78 -2.97
CA ASN A 106 21.07 -16.07 -4.15
C ASN A 106 20.34 -16.40 -5.46
N SER A 107 19.00 -16.24 -5.48
CA SER A 107 18.23 -16.31 -6.74
C SER A 107 17.65 -14.98 -7.10
N SER A 108 17.18 -14.87 -8.33
CA SER A 108 16.63 -13.61 -8.90
C SER A 108 15.27 -13.80 -9.54
N TYR A 109 14.56 -12.72 -9.85
CA TYR A 109 13.29 -12.76 -10.59
C TYR A 109 13.29 -11.48 -11.34
N THR A 110 12.85 -11.50 -12.61
CA THR A 110 12.81 -10.30 -13.41
C THR A 110 11.37 -9.95 -13.58
N TYR A 111 10.96 -8.80 -13.05
CA TYR A 111 9.62 -8.32 -13.22
C TYR A 111 9.61 -7.41 -14.44
N VAL A 112 8.59 -7.58 -15.28
CA VAL A 112 8.46 -6.69 -16.37
C VAL A 112 7.02 -6.24 -16.44
N TRP A 113 6.80 -4.94 -16.51
CA TRP A 113 5.47 -4.42 -16.58
C TRP A 113 5.35 -3.12 -17.34
N ARG A 114 4.15 -2.81 -17.78
CA ARG A 114 3.89 -1.66 -18.55
C ARG A 114 3.45 -0.52 -17.63
N ALA A 115 4.01 0.65 -17.87
CA ALA A 115 3.51 1.89 -17.15
C ALA A 115 2.22 2.42 -17.73
N GLU A 116 1.09 1.73 -17.45
CA GLU A 116 -0.18 2.04 -18.11
C GLU A 116 -1.08 2.85 -17.18
N GLU A 117 -0.44 3.68 -16.37
CA GLU A 117 -1.12 4.65 -15.54
C GLU A 117 -0.04 5.70 -15.35
N TYR A 118 -0.36 6.81 -14.69
CA TYR A 118 0.70 7.83 -14.37
C TYR A 118 0.35 8.45 -13.00
N GLY A 119 1.42 8.86 -12.28
CA GLY A 119 1.28 9.57 -10.99
C GLY A 119 2.23 8.83 -10.04
N SER A 120 1.77 8.49 -8.87
CA SER A 120 2.68 8.15 -7.76
C SER A 120 2.26 6.90 -7.08
N SER A 121 3.20 5.99 -6.87
CA SER A 121 2.90 4.92 -5.96
C SER A 121 4.20 4.43 -5.44
N TRP A 122 4.27 3.12 -5.24
CA TRP A 122 5.41 2.52 -4.58
C TRP A 122 5.49 1.04 -4.84
N TYR A 123 6.69 0.52 -4.74
CA TYR A 123 6.86 -0.92 -4.77
C TYR A 123 7.27 -1.34 -3.36
N HIS A 124 7.03 -2.57 -3.02
CA HIS A 124 7.43 -3.11 -1.66
C HIS A 124 7.42 -4.59 -1.67
N SER A 125 8.16 -5.19 -0.74
CA SER A 125 8.09 -6.63 -0.68
C SER A 125 6.67 -7.03 -0.39
N HIS A 126 6.27 -8.18 -0.93
CA HIS A 126 5.00 -8.78 -0.58
C HIS A 126 5.23 -10.20 -0.06
N PHE A 127 6.18 -10.26 0.85
CA PHE A 127 6.57 -11.48 1.48
C PHE A 127 6.55 -11.24 2.98
N SER A 128 5.54 -11.78 3.65
CA SER A 128 5.47 -11.69 5.14
C SER A 128 5.56 -10.23 5.63
N LEU A 129 6.43 -9.92 6.59
CA LEU A 129 6.47 -8.52 7.14
C LEU A 129 7.60 -7.74 6.54
N GLN A 130 8.21 -8.30 5.49
CA GLN A 130 9.40 -7.70 4.90
C GLN A 130 9.33 -6.22 4.45
N ALA A 131 8.22 -5.80 3.87
CA ALA A 131 8.11 -4.40 3.48
C ALA A 131 8.38 -3.42 4.62
N TRP A 132 7.99 -3.82 5.85
CA TRP A 132 8.07 -2.92 7.00
C TRP A 132 9.39 -3.10 7.78
N GLU A 133 10.32 -3.94 7.31
CA GLU A 133 11.68 -3.90 7.75
C GLU A 133 12.51 -2.99 6.82
N GLY A 134 11.88 -2.47 5.76
CA GLY A 134 12.57 -1.55 4.86
C GLY A 134 12.56 -1.83 3.38
N VAL A 135 11.94 -2.96 2.89
CA VAL A 135 12.02 -3.30 1.50
C VAL A 135 10.87 -2.61 0.69
N PHE A 136 11.09 -1.34 0.32
CA PHE A 136 10.05 -0.52 -0.36
C PHE A 136 10.70 0.67 -0.93
N GLY A 137 10.03 1.32 -1.90
CA GLY A 137 10.63 2.48 -2.58
C GLY A 137 9.56 3.09 -3.46
N GLY A 138 9.81 4.26 -4.01
CA GLY A 138 8.78 4.95 -4.82
C GLY A 138 8.58 4.43 -6.24
N ILE A 139 7.41 4.66 -6.82
CA ILE A 139 7.24 4.51 -8.25
C ILE A 139 6.75 5.91 -8.66
N LEU A 140 7.34 6.46 -9.74
CA LEU A 140 7.02 7.84 -10.15
C LEU A 140 6.91 7.80 -11.60
N ILE A 141 5.66 7.86 -12.09
CA ILE A 141 5.44 7.76 -13.50
C ILE A 141 5.01 9.12 -13.97
N HIS A 142 5.90 9.73 -14.80
CA HIS A 142 5.58 11.03 -15.36
C HIS A 142 4.36 11.00 -16.25
N GLY A 143 3.56 12.04 -16.16
CA GLY A 143 2.38 12.14 -17.02
C GLY A 143 1.67 13.47 -16.76
N PRO A 144 0.48 13.62 -17.39
CA PRO A 144 -0.32 14.80 -17.20
C PRO A 144 -0.70 15.04 -15.73
N SER A 145 -1.09 16.26 -15.42
CA SER A 145 -1.38 16.68 -14.08
C SER A 145 -2.61 17.57 -14.11
N THR A 146 -3.44 17.59 -13.05
CA THR A 146 -4.67 18.42 -13.06
C THR A 146 -4.40 19.81 -12.56
N ALA A 147 -3.17 20.09 -12.17
CA ALA A 147 -2.78 21.48 -11.87
C ALA A 147 -1.29 21.67 -12.09
N GLU A 148 -0.92 22.93 -12.21
CA GLU A 148 0.42 23.31 -12.59
C GLU A 148 1.29 23.53 -11.37
N TYR A 149 2.56 23.30 -11.54
CA TYR A 149 3.54 23.58 -10.47
C TYR A 149 4.89 23.80 -11.09
N ASP A 150 5.88 24.13 -10.26
CA ASP A 150 7.22 24.49 -10.69
C ASP A 150 8.28 23.45 -10.46
N HIS A 151 8.17 22.68 -9.38
CA HIS A 151 9.23 21.74 -9.06
C HIS A 151 8.63 20.46 -8.52
N ASP A 152 9.19 19.35 -8.91
CA ASP A 152 8.68 18.07 -8.42
C ASP A 152 9.64 17.56 -7.37
N LEU A 153 9.17 17.51 -6.12
CA LEU A 153 10.02 17.02 -5.02
C LEU A 153 10.06 15.49 -4.89
N GLY A 154 9.21 14.80 -5.65
CA GLY A 154 9.28 13.35 -5.70
C GLY A 154 8.55 12.79 -4.49
N MET A 155 8.98 11.57 -4.15
CA MET A 155 8.32 10.79 -3.01
C MET A 155 8.49 11.52 -1.76
N VAL A 156 7.45 11.44 -0.95
CA VAL A 156 7.52 11.75 0.44
C VAL A 156 6.90 10.56 1.20
N PHE A 157 7.72 9.65 1.74
CA PHE A 157 7.17 8.48 2.48
C PHE A 157 6.85 8.88 3.95
N LEU A 158 5.78 8.32 4.47
CA LEU A 158 5.46 8.42 5.90
C LEU A 158 5.50 6.99 6.46
N ASN A 159 6.26 6.83 7.55
CA ASN A 159 6.44 5.56 8.16
C ASN A 159 6.28 5.70 9.72
N ASP A 160 5.71 4.68 10.38
CA ASP A 160 5.90 4.52 11.85
C ASP A 160 7.18 3.70 12.03
N TRP A 161 7.65 3.62 13.27
CA TRP A 161 8.98 3.11 13.49
C TRP A 161 9.18 2.75 14.96
N SER A 162 9.92 1.69 15.15
CA SER A 162 10.38 1.32 16.46
C SER A 162 11.85 0.88 16.37
N HIS A 163 12.52 0.78 17.50
CA HIS A 163 13.89 0.34 17.46
C HIS A 163 14.00 -1.19 17.52
N GLN A 164 12.88 -1.88 17.83
CA GLN A 164 12.73 -3.33 17.55
C GLN A 164 12.07 -3.53 16.16
N THR A 165 12.38 -4.62 15.46
CA THR A 165 11.87 -4.81 14.15
C THR A 165 10.47 -5.36 14.35
N VAL A 166 9.68 -5.12 13.31
CA VAL A 166 8.35 -5.73 13.21
C VAL A 166 8.37 -7.26 13.33
N ASP A 167 9.40 -7.90 12.75
CA ASP A 167 9.55 -9.35 12.95
C ASP A 167 9.77 -9.72 14.38
N GLU A 168 10.51 -8.87 15.13
CA GLU A 168 10.66 -9.12 16.56
C GLU A 168 9.35 -8.95 17.30
N MET A 169 8.54 -7.97 16.88
CA MET A 169 7.24 -7.72 17.53
C MET A 169 6.15 -8.77 17.21
N TYR A 170 6.33 -9.51 16.16
CA TYR A 170 5.17 -10.26 15.58
C TYR A 170 4.53 -11.27 16.58
N GLN A 171 5.34 -12.04 17.28
CA GLN A 171 4.79 -13.04 18.21
C GLN A 171 3.98 -12.40 19.29
N SER A 172 4.45 -11.25 19.77
CA SER A 172 3.68 -10.49 20.71
C SER A 172 2.32 -9.99 20.14
N VAL A 173 2.34 -9.54 18.91
CA VAL A 173 1.14 -9.07 18.27
C VAL A 173 0.16 -10.25 18.14
N LEU A 174 0.64 -11.41 17.60
CA LEU A 174 -0.20 -12.61 17.47
C LEU A 174 -0.92 -13.00 18.80
N GLU A 175 -0.27 -12.75 19.92
CA GLU A 175 -0.74 -13.29 21.17
C GLU A 175 -1.49 -12.24 21.94
N SER A 176 -1.72 -11.09 21.31
CA SER A 176 -2.35 -9.98 22.11
C SER A 176 -3.63 -9.53 21.47
N GLN A 177 -4.60 -9.11 22.32
CA GLN A 177 -5.85 -8.52 21.85
C GLN A 177 -5.73 -7.05 21.49
N ASN A 178 -4.72 -6.38 22.04
CA ASN A 178 -4.46 -4.99 21.79
C ASN A 178 -3.65 -4.72 20.53
N PRO A 179 -3.86 -3.56 19.90
CA PRO A 179 -3.04 -3.32 18.70
C PRO A 179 -1.58 -2.99 19.07
N PRO A 180 -0.67 -3.02 18.09
CA PRO A 180 0.75 -2.87 18.37
C PRO A 180 1.10 -1.41 18.65
N HIS A 181 2.12 -1.19 19.44
CA HIS A 181 2.52 0.13 19.84
C HIS A 181 3.88 0.41 19.14
N PHE A 182 4.08 1.62 18.66
CA PHE A 182 5.34 1.98 18.01
C PHE A 182 5.84 3.17 18.73
N GLN A 183 7.16 3.32 18.69
CA GLN A 183 7.83 4.37 19.38
C GLN A 183 7.86 5.71 18.67
N THR A 184 7.94 5.69 17.35
CA THR A 184 8.20 6.92 16.65
C THR A 184 7.76 6.79 15.19
N GLY A 185 8.33 7.63 14.36
CA GLY A 185 7.96 7.65 12.95
C GLY A 185 9.08 8.29 12.16
N LEU A 186 8.96 8.21 10.84
CA LEU A 186 10.02 8.78 9.95
C LEU A 186 9.30 9.48 8.84
N ILE A 187 9.90 10.56 8.38
CA ILE A 187 9.41 11.24 7.20
C ILE A 187 10.55 11.11 6.17
N ASN A 188 10.20 10.48 5.04
CA ASN A 188 11.13 10.03 4.04
C ASN A 188 12.42 9.47 4.60
N GLY A 189 12.23 8.67 5.62
CA GLY A 189 13.31 7.87 6.23
C GLY A 189 14.15 8.63 7.26
N SER A 190 13.67 9.80 7.78
CA SER A 190 14.43 10.66 8.70
C SER A 190 13.54 11.06 9.90
N ASN A 191 14.17 11.06 11.06
CA ASN A 191 13.63 11.87 12.22
C ASN A 191 14.81 12.06 13.21
N ILE A 192 14.58 12.94 14.19
CA ILE A 192 15.46 12.89 15.37
C ILE A 192 14.86 11.88 16.28
N TRP A 193 15.64 11.50 17.29
CA TRP A 193 15.14 10.70 18.45
C TRP A 193 15.67 11.33 19.70
N VAL A 194 14.82 11.49 20.73
CA VAL A 194 15.27 11.94 22.00
C VAL A 194 15.65 10.72 22.93
N THR A 195 16.88 10.71 23.43
CA THR A 195 17.36 9.51 24.13
C THR A 195 16.90 9.61 25.59
N ALA A 196 17.08 8.51 26.33
CA ALA A 196 16.61 8.43 27.75
C ALA A 196 17.31 9.52 28.60
N ASP A 197 18.45 9.99 28.09
CA ASP A 197 19.24 11.02 28.75
C ASP A 197 18.97 12.40 28.24
N ASN A 198 17.96 12.52 27.39
CA ASN A 198 17.53 13.80 26.87
C ASN A 198 18.60 14.34 25.91
N GLN A 199 19.39 13.45 25.28
CA GLN A 199 20.18 13.84 24.04
C GLN A 199 19.32 13.74 22.76
N THR A 200 19.55 14.60 21.76
CA THR A 200 18.85 14.44 20.50
C THR A 200 19.85 13.78 19.55
N VAL A 201 19.52 12.60 19.11
CA VAL A 201 20.29 11.98 17.98
C VAL A 201 19.46 12.02 16.69
N GLY A 202 20.07 11.68 15.53
CA GLY A 202 19.29 11.69 14.35
C GLY A 202 19.21 13.05 13.70
N ARG A 203 18.39 13.12 12.66
CA ARG A 203 18.20 14.39 11.94
C ARG A 203 16.81 14.39 11.33
N ARG A 204 16.14 15.52 11.36
CA ARG A 204 14.79 15.59 10.76
C ARG A 204 14.86 15.77 9.26
N PHE A 205 13.85 15.20 8.57
CA PHE A 205 13.59 15.54 7.17
C PHE A 205 13.51 17.04 6.99
N GLN A 206 14.04 17.51 5.84
CA GLN A 206 13.96 18.90 5.63
C GLN A 206 13.94 19.16 4.16
N THR A 207 13.19 20.17 3.79
CA THR A 207 13.13 20.50 2.38
C THR A 207 13.10 22.02 2.28
N GLU A 208 13.58 22.55 1.15
CA GLU A 208 13.75 24.00 1.07
C GLU A 208 12.88 24.58 -0.06
N PHE A 209 12.18 25.67 0.25
CA PHE A 209 11.34 26.38 -0.69
C PHE A 209 11.92 27.78 -1.10
N VAL A 210 11.76 28.15 -2.39
CA VAL A 210 11.94 29.52 -2.86
C VAL A 210 10.57 30.24 -2.87
N PRO A 211 10.46 31.38 -2.17
CA PRO A 211 9.23 32.18 -2.08
C PRO A 211 8.57 32.30 -3.45
N GLY A 212 7.26 32.03 -3.55
CA GLY A 212 6.50 32.23 -4.80
C GLY A 212 6.38 30.95 -5.64
N GLN A 213 7.32 30.04 -5.53
CA GLN A 213 7.33 28.78 -6.31
C GLN A 213 6.31 27.71 -5.80
N ARG A 214 5.96 26.74 -6.66
CA ARG A 214 4.91 25.73 -6.37
C ARG A 214 5.59 24.36 -6.48
N TYR A 215 5.41 23.55 -5.42
CA TYR A 215 6.10 22.28 -5.31
C TYR A 215 5.12 21.09 -5.33
N ARG A 216 5.45 20.04 -6.10
CA ARG A 216 4.65 18.77 -6.02
C ARG A 216 5.30 17.81 -4.98
N LEU A 217 4.52 17.30 -4.01
CA LEU A 217 5.05 16.30 -3.00
C LEU A 217 4.13 15.06 -3.28
N ARG A 218 4.69 13.88 -3.39
CA ARG A 218 3.92 12.67 -3.76
C ARG A 218 3.89 11.90 -2.45
N LEU A 219 2.87 12.16 -1.61
CA LEU A 219 2.84 11.44 -0.33
C LEU A 219 2.46 9.99 -0.38
N VAL A 220 3.14 9.14 0.46
CA VAL A 220 2.81 7.72 0.43
C VAL A 220 2.85 7.31 1.88
N ASN A 221 1.84 6.60 2.35
CA ASN A 221 1.85 6.07 3.76
C ASN A 221 2.31 4.60 3.71
N ALA A 222 3.55 4.40 4.06
CA ALA A 222 4.16 3.09 4.05
C ALA A 222 4.19 2.50 5.45
N ALA A 223 3.45 3.09 6.36
CA ALA A 223 3.48 2.57 7.72
C ALA A 223 2.99 1.14 7.93
N MET A 224 3.36 0.52 9.06
CA MET A 224 2.84 -0.78 9.39
C MET A 224 1.45 -0.74 10.06
N HIS A 225 1.23 0.27 10.89
CA HIS A 225 -0.02 0.31 11.71
C HIS A 225 -0.37 1.74 12.08
N THR A 226 -0.35 2.69 11.12
CA THR A 226 -0.64 4.07 11.51
C THR A 226 -1.32 4.70 10.38
N HIS A 227 -2.40 5.40 10.69
CA HIS A 227 -3.12 6.22 9.75
C HIS A 227 -2.68 7.65 10.12
N PHE A 228 -2.20 8.44 9.16
CA PHE A 228 -1.66 9.79 9.50
C PHE A 228 -2.54 10.91 8.96
N ARG A 229 -2.51 12.08 9.63
CA ARG A 229 -2.82 13.35 9.01
C ARG A 229 -1.52 14.12 8.74
N PHE A 230 -1.29 14.42 7.45
CA PHE A 230 -0.10 15.13 7.06
C PHE A 230 -0.47 16.60 6.89
N SER A 231 0.35 17.50 7.48
CA SER A 231 0.08 18.93 7.31
C SER A 231 1.41 19.68 7.40
N ILE A 232 1.36 20.92 6.90
CA ILE A 232 2.50 21.84 6.88
C ILE A 232 1.97 23.12 7.50
N ASP A 233 2.56 23.50 8.61
CA ASP A 233 2.02 24.68 9.40
C ASP A 233 1.95 25.87 8.44
N ASN A 234 0.87 26.64 8.54
CA ASN A 234 0.66 27.82 7.67
C ASN A 234 0.44 27.63 6.17
N HIS A 235 0.50 26.40 5.59
CA HIS A 235 0.45 26.25 4.18
C HIS A 235 -0.79 25.44 3.81
N ASP A 236 -1.50 25.85 2.79
CA ASP A 236 -2.56 24.97 2.32
C ASP A 236 -1.94 23.99 1.32
N LEU A 237 -2.70 22.94 1.05
CA LEU A 237 -2.26 21.84 0.22
C LEU A 237 -3.31 21.63 -0.83
N THR A 238 -2.92 21.59 -2.11
CA THR A 238 -3.88 21.33 -3.15
C THR A 238 -3.67 19.88 -3.53
N VAL A 239 -4.70 19.06 -3.28
CA VAL A 239 -4.65 17.62 -3.72
C VAL A 239 -4.99 17.49 -5.17
N ILE A 240 -4.14 16.80 -5.94
CA ILE A 240 -4.36 16.66 -7.38
C ILE A 240 -4.52 15.24 -7.92
N ALA A 241 -4.25 14.22 -7.09
CA ALA A 241 -4.50 12.82 -7.51
C ALA A 241 -4.65 12.02 -6.19
N SER A 242 -5.37 10.93 -6.26
CA SER A 242 -5.49 9.96 -5.18
C SER A 242 -5.04 8.60 -5.82
N ASP A 243 -4.06 7.90 -5.23
CA ASP A 243 -3.54 6.63 -5.77
C ASP A 243 -3.07 7.02 -7.17
N PHE A 244 -3.36 6.21 -8.20
CA PHE A 244 -2.97 6.54 -9.60
C PHE A 244 -4.04 7.31 -10.33
N VAL A 245 -5.03 7.91 -9.67
CA VAL A 245 -6.14 8.55 -10.49
C VAL A 245 -6.07 10.07 -10.25
N PRO A 246 -5.70 10.86 -11.29
CA PRO A 246 -5.86 12.31 -11.16
C PRO A 246 -7.27 12.71 -10.82
N ILE A 247 -7.42 13.78 -10.01
CA ILE A 247 -8.74 14.20 -9.62
C ILE A 247 -8.90 15.71 -9.83
N VAL A 248 -10.15 16.20 -9.85
CA VAL A 248 -10.42 17.64 -9.72
C VAL A 248 -9.66 18.21 -8.51
N PRO A 249 -8.75 19.14 -8.75
CA PRO A 249 -8.00 19.63 -7.55
C PRO A 249 -8.87 20.32 -6.52
N PHE A 250 -8.56 20.06 -5.28
CA PHE A 250 -9.18 20.85 -4.16
C PHE A 250 -8.13 21.21 -3.11
N THR A 251 -8.42 22.23 -2.31
CA THR A 251 -7.42 22.66 -1.35
CA THR A 251 -7.45 22.72 -1.32
C THR A 251 -7.87 22.26 0.06
N THR A 252 -6.89 21.95 0.90
CA THR A 252 -7.20 21.51 2.27
C THR A 252 -6.03 21.96 3.17
N ASN A 253 -6.19 21.89 4.49
CA ASN A 253 -5.07 22.24 5.40
C ASN A 253 -4.42 20.96 5.98
N ASN A 254 -5.04 19.81 5.70
CA ASN A 254 -4.37 18.53 6.03
C ASN A 254 -4.81 17.34 5.14
N VAL A 255 -3.95 16.32 5.06
CA VAL A 255 -4.31 15.14 4.23
C VAL A 255 -4.37 13.94 5.14
N PRO A 256 -5.55 13.33 5.27
CA PRO A 256 -5.61 12.06 6.02
C PRO A 256 -5.25 10.92 5.03
N ILE A 257 -4.27 10.10 5.37
CA ILE A 257 -3.72 9.15 4.43
C ILE A 257 -3.53 7.83 5.09
N GLY A 258 -4.27 6.80 4.62
CA GLY A 258 -4.09 5.46 5.18
C GLY A 258 -3.02 4.64 4.51
N MET A 259 -2.66 3.56 5.16
CA MET A 259 -1.69 2.63 4.62
C MET A 259 -1.89 2.14 3.21
N GLY A 260 -0.86 2.34 2.40
CA GLY A 260 -0.98 1.94 0.96
C GLY A 260 -1.42 3.05 0.03
N GLN A 261 -2.09 4.08 0.58
CA GLN A 261 -2.67 5.21 -0.20
C GLN A 261 -1.58 6.21 -0.58
N ARG A 262 -1.81 6.93 -1.67
CA ARG A 262 -0.96 8.05 -2.06
C ARG A 262 -1.85 9.23 -2.36
N TYR A 263 -1.32 10.41 -2.15
CA TYR A 263 -2.00 11.65 -2.60
C TYR A 263 -0.93 12.50 -3.12
N ASP A 264 -1.19 13.11 -4.25
CA ASP A 264 -0.27 14.10 -4.74
C ASP A 264 -0.78 15.46 -4.34
N ILE A 265 0.14 16.29 -3.86
CA ILE A 265 -0.21 17.65 -3.44
C ILE A 265 0.74 18.67 -4.01
N ILE A 266 0.18 19.87 -4.24
CA ILE A 266 0.95 21.04 -4.66
C ILE A 266 0.86 22.08 -3.51
N VAL A 267 2.04 22.53 -3.08
CA VAL A 267 2.18 23.49 -1.98
C VAL A 267 2.86 24.68 -2.66
N THR A 268 2.23 25.85 -2.52
CA THR A 268 2.80 27.12 -2.94
C THR A 268 3.56 27.78 -1.81
N ALA A 269 4.73 28.29 -2.14
CA ALA A 269 5.56 28.94 -1.17
C ALA A 269 5.13 30.41 -0.92
N ASN A 270 3.98 30.57 -0.26
CA ASN A 270 3.34 31.89 -0.22
C ASN A 270 3.30 32.47 1.18
N GLN A 271 4.09 31.92 2.11
CA GLN A 271 4.10 32.46 3.45
C GLN A 271 5.38 33.29 3.70
N ALA A 272 5.40 34.02 4.81
CA ALA A 272 6.62 34.80 5.20
C ALA A 272 7.79 33.78 5.13
N PRO A 273 8.97 34.18 4.61
CA PRO A 273 10.17 33.34 4.71
C PRO A 273 10.47 32.96 6.15
N ASP A 274 10.33 31.68 6.44
CA ASP A 274 10.46 31.18 7.81
C ASP A 274 10.61 29.67 7.79
N ASN A 275 10.79 29.08 8.99
CA ASN A 275 10.85 27.64 9.12
C ASN A 275 9.51 27.25 9.67
N TYR A 276 8.92 26.23 9.03
CA TYR A 276 7.61 25.72 9.35
C TYR A 276 7.68 24.23 9.61
N TRP A 277 6.91 23.74 10.56
CA TRP A 277 6.91 22.33 10.81
C TRP A 277 6.05 21.61 9.77
N ILE A 278 6.59 20.51 9.25
CA ILE A 278 5.85 19.54 8.48
C ILE A 278 5.47 18.44 9.47
N ARG A 279 4.21 18.02 9.51
CA ARG A 279 3.77 17.15 10.65
C ARG A 279 3.09 15.93 10.01
N ALA A 280 3.38 14.76 10.58
CA ALA A 280 2.72 13.55 10.13
C ALA A 280 2.19 12.97 11.46
N ILE A 281 0.89 13.15 11.67
CA ILE A 281 0.33 12.86 13.00
C ILE A 281 -0.50 11.57 12.93
N PRO A 282 -0.07 10.51 13.63
CA PRO A 282 -0.85 9.28 13.80
C PRO A 282 -2.20 9.62 14.42
N GLN A 283 -3.24 9.01 13.86
CA GLN A 283 -4.59 9.22 14.34
C GLN A 283 -4.88 8.18 15.40
N SER A 284 -5.30 8.62 16.57
CA SER A 284 -5.13 7.73 17.76
C SER A 284 -6.19 6.62 17.80
N PHE A 285 -7.26 6.73 17.01
CA PHE A 285 -8.35 5.71 17.08
C PHE A 285 -7.81 4.38 16.58
N CYS A 286 -6.85 4.45 15.66
CA CYS A 286 -6.32 3.22 15.01
C CYS A 286 -4.77 3.20 14.92
N SER A 287 -4.11 4.11 15.62
CA SER A 287 -2.62 4.13 15.71
C SER A 287 -2.26 4.25 17.18
N ASP A 288 -1.18 3.58 17.63
CA ASP A 288 -0.73 3.71 19.05
C ASP A 288 0.76 4.07 19.01
N ASN A 289 1.09 5.34 19.22
CA ASN A 289 2.43 5.78 18.92
C ASN A 289 2.86 6.60 20.08
N ALA A 290 4.01 6.26 20.63
CA ALA A 290 4.59 6.97 21.76
C ALA A 290 4.92 8.43 21.47
N ASN A 291 5.15 8.74 20.19
CA ASN A 291 5.61 10.07 19.82
C ASN A 291 4.79 10.72 18.75
N SER A 292 3.46 10.66 18.91
CA SER A 292 2.54 11.26 17.98
C SER A 292 2.82 12.68 17.59
N ASP A 293 3.37 13.42 18.54
CA ASP A 293 3.56 14.83 18.29
C ASP A 293 4.98 15.18 17.88
N ASN A 294 5.85 14.17 17.74
CA ASN A 294 7.25 14.42 17.35
C ASN A 294 7.63 13.58 16.15
N ILE A 295 6.75 13.51 15.14
CA ILE A 295 7.08 12.93 13.80
C ILE A 295 6.96 14.11 12.85
N LYS A 296 8.03 14.94 12.80
CA LYS A 296 7.94 16.26 12.17
C LYS A 296 9.15 16.42 11.33
N GLY A 297 8.97 17.20 10.27
CA GLY A 297 10.10 17.64 9.48
C GLY A 297 10.12 19.17 9.43
N VAL A 298 10.99 19.71 8.59
CA VAL A 298 11.23 21.13 8.61
C VAL A 298 11.09 21.68 7.19
N LEU A 299 10.12 22.57 6.98
CA LEU A 299 10.09 23.29 5.71
C LEU A 299 10.93 24.59 5.94
N HIS A 300 12.00 24.74 5.16
CA HIS A 300 12.97 25.85 5.39
C HIS A 300 12.86 26.75 4.11
N TYR A 301 12.36 27.97 4.20
CA TYR A 301 12.35 28.93 3.05
C TYR A 301 13.72 29.49 2.88
N GLU A 302 14.17 29.73 1.65
CA GLU A 302 15.31 30.60 1.57
C GLU A 302 14.90 31.98 2.16
N GLY A 303 15.74 32.48 3.02
CA GLY A 303 15.31 33.68 3.81
C GLY A 303 14.94 33.35 5.23
N ALA A 304 14.80 32.06 5.52
CA ALA A 304 14.61 31.67 6.94
C ALA A 304 15.94 31.53 7.67
N ALA A 305 15.90 31.50 9.01
CA ALA A 305 17.10 31.27 9.84
C ALA A 305 17.64 29.88 9.59
N ASP A 306 18.96 29.76 9.45
CA ASP A 306 19.60 28.48 9.29
C ASP A 306 19.81 27.85 10.66
N ASN A 307 19.89 26.52 10.66
CA ASN A 307 20.18 25.72 11.85
C ASN A 307 19.21 26.04 13.00
N SER A 308 17.94 26.29 12.66
CA SER A 308 16.98 26.81 13.66
C SER A 308 15.60 26.14 13.51
N ASP A 309 15.11 25.57 14.60
CA ASP A 309 13.82 24.93 14.50
C ASP A 309 12.62 25.87 14.29
N PRO A 310 11.56 25.36 13.63
CA PRO A 310 10.35 26.14 13.53
C PRO A 310 9.74 26.33 14.88
N THR A 311 8.92 27.47 14.97
CA THR A 311 8.14 27.70 16.15
C THR A 311 6.71 27.89 15.64
N SER A 312 6.38 27.32 14.46
CA SER A 312 5.01 27.44 13.93
C SER A 312 3.99 26.64 14.79
N THR A 313 2.73 26.97 14.62
CA THR A 313 1.61 26.29 15.25
C THR A 313 0.85 25.39 14.27
N LYS A 314 0.43 24.21 14.72
CA LYS A 314 -0.38 23.24 13.92
C LYS A 314 -1.67 23.92 13.46
N TRP A 315 -2.11 23.63 12.24
CA TRP A 315 -3.46 24.02 11.81
C TRP A 315 -4.53 23.46 12.72
N ASP A 316 -5.55 24.28 13.01
CA ASP A 316 -6.56 23.83 13.96
C ASP A 316 -7.67 23.19 13.13
N TYR A 317 -7.49 21.94 12.79
CA TYR A 317 -8.43 21.29 11.93
C TYR A 317 -9.33 20.35 12.64
N GLY A 318 -9.15 20.22 13.95
CA GLY A 318 -9.93 19.22 14.67
C GLY A 318 -9.06 18.27 15.48
N ASP A 319 -9.61 17.13 15.84
CA ASP A 319 -8.79 16.30 16.63
C ASP A 319 -8.06 15.32 15.75
N ASP A 320 -7.21 14.59 16.39
CA ASP A 320 -6.41 13.64 15.65
C ASP A 320 -6.77 12.28 16.14
N ILE A 321 -8.09 11.99 16.23
CA ILE A 321 -8.57 10.73 16.74
C ILE A 321 -9.00 9.78 15.65
N GLN A 322 -10.05 10.11 14.88
CA GLN A 322 -10.68 9.13 13.97
C GLN A 322 -9.78 8.92 12.75
N CYS A 323 -9.89 7.73 12.21
CA CYS A 323 -9.19 7.33 10.97
C CYS A 323 -10.15 7.42 9.77
N LEU A 324 -10.02 8.51 9.01
CA LEU A 324 -10.98 8.84 8.00
C LEU A 324 -10.26 9.02 6.63
N ASP A 325 -11.01 8.89 5.57
CA ASP A 325 -10.55 9.16 4.18
C ASP A 325 -11.16 10.53 3.87
N PHE A 326 -10.65 11.26 2.89
CA PHE A 326 -11.44 12.34 2.28
C PHE A 326 -12.80 11.78 1.90
N SER A 327 -13.82 12.63 1.87
CA SER A 327 -15.18 12.11 1.55
C SER A 327 -15.38 11.73 0.07
N LEU A 328 -16.43 10.94 -0.24
CA LEU A 328 -16.76 10.65 -1.64
C LEU A 328 -17.00 11.90 -2.48
N ASP A 329 -17.54 12.94 -1.86
CA ASP A 329 -17.76 14.19 -2.60
C ASP A 329 -16.45 14.95 -2.89
N GLU A 330 -15.45 14.69 -2.06
CA GLU A 330 -14.14 15.40 -2.19
C GLU A 330 -13.27 14.89 -3.35
N LEU A 331 -13.42 13.60 -3.64
CA LEU A 331 -12.59 12.89 -4.59
C LEU A 331 -13.30 12.59 -5.91
N VAL A 332 -13.05 13.42 -6.89
CA VAL A 332 -13.76 13.36 -8.13
C VAL A 332 -12.74 13.16 -9.22
N PRO A 333 -12.77 11.94 -9.80
CA PRO A 333 -11.75 11.72 -10.77
C PRO A 333 -11.86 12.67 -12.00
N TRP A 334 -10.71 13.12 -12.50
CA TRP A 334 -10.78 14.03 -13.64
C TRP A 334 -11.32 13.27 -14.87
N LEU A 335 -10.77 12.11 -15.20
CA LEU A 335 -11.41 11.23 -16.12
C LEU A 335 -12.69 10.63 -15.52
N ALA A 336 -13.84 11.09 -16.02
CA ALA A 336 -15.20 10.75 -15.43
C ALA A 336 -15.66 9.40 -15.97
N LEU A 337 -15.94 8.45 -15.06
CA LEU A 337 -16.34 7.12 -15.43
C LEU A 337 -17.38 6.69 -14.43
N ASP A 338 -18.48 6.13 -14.93
CA ASP A 338 -19.53 5.60 -14.04
C ASP A 338 -19.34 4.17 -13.62
N ALA A 339 -19.76 3.83 -12.38
CA ALA A 339 -19.77 2.46 -11.92
C ALA A 339 -21.04 1.79 -12.55
N ASP A 340 -20.84 1.08 -13.67
CA ASP A 340 -21.94 0.38 -14.41
C ASP A 340 -22.28 -0.96 -13.79
N ILE A 341 -22.95 -0.96 -12.64
CA ILE A 341 -23.04 -2.20 -11.89
C ILE A 341 -24.37 -2.97 -12.10
N GLY A 342 -25.15 -2.63 -13.10
CA GLY A 342 -26.36 -3.46 -13.33
C GLY A 342 -25.89 -4.85 -13.71
N GLY A 343 -26.44 -5.89 -13.10
CA GLY A 343 -26.04 -7.27 -13.45
C GLY A 343 -24.79 -7.71 -12.72
N ALA A 344 -24.21 -6.83 -11.92
CA ALA A 344 -23.05 -7.21 -11.08
C ALA A 344 -23.30 -8.45 -10.21
N GLN A 345 -22.24 -9.18 -9.92
CA GLN A 345 -22.24 -10.18 -8.84
C GLN A 345 -22.08 -9.43 -7.55
N MET A 346 -22.89 -9.79 -6.55
CA MET A 346 -22.86 -9.14 -5.24
C MET A 346 -22.18 -10.08 -4.27
N ALA A 347 -21.26 -9.55 -3.54
CA ALA A 347 -20.62 -10.32 -2.41
C ALA A 347 -20.44 -9.48 -1.15
N GLU A 348 -20.32 -10.17 0.00
CA GLU A 348 -20.03 -9.46 1.19
C GLU A 348 -18.92 -10.23 1.91
N SER A 349 -17.90 -9.52 2.36
CA SER A 349 -16.82 -10.12 3.19
C SER A 349 -16.85 -9.47 4.53
N ASP A 350 -17.23 -10.24 5.54
CA ASP A 350 -17.17 -9.78 6.90
C ASP A 350 -15.75 -9.83 7.47
N VAL A 351 -15.50 -8.89 8.35
CA VAL A 351 -14.17 -8.76 8.98
C VAL A 351 -14.32 -9.00 10.45
N ASP A 352 -13.62 -9.98 10.95
CA ASP A 352 -13.62 -10.28 12.39
C ASP A 352 -12.19 -10.58 12.96
N PHE A 353 -12.04 -10.66 14.29
CA PHE A 353 -10.75 -10.82 14.96
C PHE A 353 -11.01 -11.89 15.99
N THR A 354 -10.39 -13.07 15.82
CA THR A 354 -10.84 -14.26 16.52
C THR A 354 -9.66 -15.05 17.08
N PRO A 355 -9.79 -15.58 18.32
CA PRO A 355 -8.73 -16.47 18.87
C PRO A 355 -8.73 -17.86 18.24
N PHE A 356 -7.54 -18.42 18.05
CA PHE A 356 -7.41 -19.74 17.46
C PHE A 356 -6.39 -20.57 18.23
N GLY A 357 -6.75 -21.81 18.55
CA GLY A 357 -5.86 -22.69 19.31
C GLY A 357 -5.69 -22.42 20.78
N ASP A 358 -4.70 -23.09 21.37
CA ASP A 358 -4.58 -23.14 22.84
C ASP A 358 -3.90 -21.92 23.41
N VAL A 359 -3.13 -21.21 22.59
CA VAL A 359 -2.36 -20.13 23.18
C VAL A 359 -3.20 -19.04 23.86
N PRO A 360 -4.17 -18.39 23.17
CA PRO A 360 -4.46 -18.53 21.72
C PRO A 360 -3.67 -17.50 20.87
N LEU A 361 -3.72 -17.65 19.52
CA LEU A 361 -3.28 -16.58 18.59
C LEU A 361 -4.53 -15.90 18.08
N TYR A 362 -4.51 -14.57 17.98
CA TYR A 362 -5.65 -13.80 17.50
C TYR A 362 -5.42 -13.49 16.02
N LEU A 363 -6.25 -14.06 15.15
CA LEU A 363 -6.08 -13.85 13.70
C LEU A 363 -7.25 -13.05 13.19
N TRP A 364 -6.99 -12.36 12.09
CA TRP A 364 -8.05 -11.62 11.40
C TRP A 364 -8.63 -12.49 10.32
N THR A 365 -9.94 -12.43 10.21
CA THR A 365 -10.66 -13.27 9.26
C THR A 365 -11.32 -12.32 8.30
N MET A 366 -11.30 -12.65 7.02
CA MET A 366 -11.98 -11.83 6.03
C MET A 366 -12.88 -12.71 5.20
N GLY A 367 -14.19 -12.44 5.16
CA GLY A 367 -15.03 -13.33 4.29
C GLY A 367 -15.24 -14.66 5.03
N GLY A 368 -14.99 -14.67 6.32
CA GLY A 368 -15.24 -15.92 7.08
C GLY A 368 -14.04 -16.77 7.48
N ASN A 369 -12.87 -16.50 6.90
CA ASN A 369 -11.72 -17.36 7.12
C ASN A 369 -10.46 -16.52 7.22
N ALA A 370 -9.57 -16.93 8.09
CA ALA A 370 -8.18 -16.38 8.04
C ALA A 370 -7.52 -17.06 6.83
N LEU A 371 -7.02 -16.26 5.88
CA LEU A 371 -6.34 -16.84 4.75
C LEU A 371 -5.20 -17.79 5.26
N ASN A 372 -5.12 -18.95 4.61
CA ASN A 372 -4.15 -19.98 4.99
C ASN A 372 -3.68 -20.72 3.76
N ILE A 373 -2.78 -20.07 3.04
CA ILE A 373 -2.33 -20.64 1.78
C ILE A 373 -0.81 -20.92 1.75
N SER A 374 -0.29 -21.35 0.58
CA SER A 374 1.04 -21.95 0.53
C SER A 374 2.03 -21.23 -0.35
N TRP A 375 3.13 -20.78 0.26
CA TRP A 375 4.18 -20.14 -0.49
C TRP A 375 4.70 -21.10 -1.62
N LYS A 376 4.80 -22.38 -1.31
CA LYS A 376 5.39 -23.32 -2.29
C LYS A 376 4.40 -23.88 -3.29
N ASP A 377 3.12 -23.67 -3.01
CA ASP A 377 2.14 -24.07 -4.00
C ASP A 377 1.22 -22.88 -4.39
N PRO A 378 1.71 -21.98 -5.24
CA PRO A 378 0.93 -20.77 -5.54
C PRO A 378 -0.33 -21.07 -6.31
N THR A 379 -1.31 -20.17 -6.18
CA THR A 379 -2.58 -20.38 -6.80
C THR A 379 -2.37 -20.54 -8.31
N LEU A 380 -1.44 -19.80 -8.92
CA LEU A 380 -1.28 -20.01 -10.40
C LEU A 380 -0.67 -21.41 -10.74
N GLN A 381 0.06 -22.03 -9.81
CA GLN A 381 0.55 -23.41 -10.02
CA GLN A 381 0.52 -23.39 -10.08
C GLN A 381 -0.65 -24.37 -10.00
N GLN A 382 -1.58 -24.11 -9.09
CA GLN A 382 -2.78 -24.95 -8.94
C GLN A 382 -3.68 -24.98 -10.15
N THR A 383 -3.82 -23.84 -10.77
CA THR A 383 -4.69 -23.69 -11.91
C THR A 383 -3.98 -24.13 -13.20
N PHE A 384 -2.64 -24.06 -13.21
CA PHE A 384 -1.88 -24.73 -14.27
C PHE A 384 -1.99 -26.26 -14.18
N GLU A 385 -1.79 -26.83 -12.99
CA GLU A 385 -1.94 -28.29 -12.84
C GLU A 385 -3.40 -28.75 -13.11
N ASP A 386 -4.39 -27.90 -12.80
CA ASP A 386 -5.83 -28.26 -12.97
C ASP A 386 -6.63 -27.07 -13.52
N PRO A 387 -6.59 -26.86 -14.82
CA PRO A 387 -7.19 -25.61 -15.32
C PRO A 387 -8.66 -25.30 -14.94
N ASP A 388 -9.44 -26.33 -14.67
CA ASP A 388 -10.87 -26.20 -14.41
C ASP A 388 -11.17 -26.33 -12.92
N LYS A 389 -10.17 -26.10 -12.10
CA LYS A 389 -10.20 -26.39 -10.69
C LYS A 389 -11.42 -25.70 -10.13
N MET A 390 -12.21 -26.43 -9.36
CA MET A 390 -13.36 -25.84 -8.72
C MET A 390 -13.28 -26.12 -7.22
N ASP A 391 -12.43 -27.06 -6.79
CA ASP A 391 -12.40 -27.42 -5.35
C ASP A 391 -11.49 -26.50 -4.47
N TRP A 392 -11.86 -25.22 -4.36
CA TRP A 392 -11.15 -24.24 -3.51
C TRP A 392 -11.46 -24.55 -2.07
N LYS A 393 -10.46 -24.50 -1.19
CA LYS A 393 -10.69 -24.74 0.24
C LYS A 393 -11.21 -23.43 0.78
N ALA A 394 -11.96 -23.47 1.90
CA ALA A 394 -12.41 -22.26 2.61
C ALA A 394 -11.18 -21.37 2.94
N SER A 395 -10.10 -22.04 3.35
CA SER A 395 -8.85 -21.35 3.68
C SER A 395 -8.14 -20.61 2.55
N GLN A 396 -8.55 -20.86 1.28
CA GLN A 396 -7.99 -20.12 0.13
C GLN A 396 -8.70 -18.80 -0.08
N GLY A 397 -9.78 -18.61 0.64
CA GLY A 397 -10.40 -17.27 0.62
C GLY A 397 -10.80 -16.81 -0.78
N VAL A 398 -11.33 -17.72 -1.61
CA VAL A 398 -11.55 -17.36 -3.04
C VAL A 398 -12.88 -16.61 -3.32
N ILE A 399 -12.84 -15.71 -4.29
CA ILE A 399 -14.03 -15.02 -4.78
C ILE A 399 -13.86 -15.09 -6.28
N GLU A 400 -14.80 -15.73 -7.01
CA GLU A 400 -14.62 -15.84 -8.46
C GLU A 400 -15.26 -14.70 -9.19
N ALA A 401 -14.64 -14.32 -10.32
CA ALA A 401 -15.18 -13.35 -11.26
C ALA A 401 -14.87 -14.02 -12.61
N ALA A 402 -15.67 -15.05 -12.97
CA ALA A 402 -15.39 -15.87 -14.10
C ALA A 402 -15.74 -15.26 -15.41
N ILE A 403 -16.64 -14.28 -15.45
CA ILE A 403 -17.17 -13.78 -16.77
C ILE A 403 -16.53 -12.46 -17.24
N PRO A 404 -15.98 -12.41 -18.49
CA PRO A 404 -15.33 -11.19 -18.91
C PRO A 404 -16.20 -9.94 -18.76
N ASN A 405 -15.64 -8.87 -18.16
CA ASN A 405 -16.33 -7.54 -18.06
C ASN A 405 -17.57 -7.47 -17.16
N LYS A 406 -17.96 -8.60 -16.59
CA LYS A 406 -18.97 -8.56 -15.53
C LYS A 406 -18.47 -7.85 -14.25
N TRP A 407 -19.29 -6.95 -13.68
CA TRP A 407 -18.91 -6.29 -12.43
C TRP A 407 -19.09 -7.19 -11.23
N THR A 408 -18.22 -6.96 -10.27
CA THR A 408 -18.39 -7.41 -8.91
C THR A 408 -18.66 -6.19 -8.02
N VAL A 409 -19.63 -6.33 -7.12
CA VAL A 409 -19.81 -5.31 -6.09
C VAL A 409 -19.58 -6.03 -4.78
N LEU A 410 -18.55 -5.59 -4.10
CA LEU A 410 -18.13 -6.27 -2.85
C LEU A 410 -18.36 -5.34 -1.64
N VAL A 411 -19.06 -5.84 -0.64
CA VAL A 411 -19.23 -4.99 0.52
C VAL A 411 -18.25 -5.59 1.53
N VAL A 412 -17.34 -4.77 2.09
CA VAL A 412 -16.42 -5.24 3.21
C VAL A 412 -16.91 -4.60 4.51
N GLN A 413 -17.30 -5.42 5.48
CA GLN A 413 -17.99 -4.90 6.64
C GLN A 413 -17.45 -5.46 7.92
N THR A 414 -17.62 -4.72 9.00
CA THR A 414 -17.21 -5.22 10.33
C THR A 414 -18.17 -4.72 11.38
N ASP A 415 -18.32 -5.49 12.46
CA ASP A 415 -19.00 -5.00 13.65
C ASP A 415 -18.03 -4.35 14.66
N LEU A 416 -16.73 -4.50 14.41
CA LEU A 416 -15.69 -4.09 15.37
C LEU A 416 -15.43 -2.61 15.30
N PRO A 417 -15.01 -1.95 16.42
CA PRO A 417 -14.64 -0.55 16.34
C PRO A 417 -13.18 -0.44 15.84
N VAL A 418 -12.92 -1.01 14.65
CA VAL A 418 -11.54 -1.05 14.06
C VAL A 418 -11.62 -0.85 12.57
N PRO A 419 -10.98 0.22 12.10
CA PRO A 419 -10.98 0.50 10.67
C PRO A 419 -9.75 -0.19 9.98
N HIS A 420 -9.86 -0.47 8.71
CA HIS A 420 -8.78 -1.20 7.96
C HIS A 420 -8.64 -0.53 6.60
N PRO A 421 -7.38 -0.30 6.12
CA PRO A 421 -7.16 0.11 4.71
C PRO A 421 -7.25 -1.11 3.74
N ILE A 422 -8.25 -1.13 2.88
CA ILE A 422 -8.37 -2.28 1.94
C ILE A 422 -7.73 -2.03 0.57
N HIS A 423 -6.86 -2.93 0.16
CA HIS A 423 -6.15 -2.79 -1.04
C HIS A 423 -6.57 -3.93 -2.03
N LEU A 424 -6.94 -3.60 -3.28
CA LEU A 424 -7.23 -4.59 -4.28
C LEU A 424 -6.14 -4.53 -5.33
N HIS A 425 -5.55 -5.69 -5.61
CA HIS A 425 -4.63 -5.83 -6.78
C HIS A 425 -5.30 -5.88 -8.14
N GLY A 426 -4.55 -5.46 -9.15
CA GLY A 426 -4.98 -5.71 -10.53
C GLY A 426 -6.03 -4.76 -11.06
N HIS A 427 -6.47 -3.79 -10.22
CA HIS A 427 -7.63 -2.99 -10.59
C HIS A 427 -7.57 -1.69 -9.84
N ASP A 428 -8.10 -0.63 -10.46
CA ASP A 428 -8.61 0.51 -9.68
C ASP A 428 -10.09 0.20 -9.39
N PHE A 429 -10.54 0.14 -8.11
CA PHE A 429 -11.97 -0.11 -7.91
C PHE A 429 -12.70 1.24 -7.83
N TYR A 430 -14.01 1.15 -7.96
CA TYR A 430 -14.96 2.29 -7.89
C TYR A 430 -15.43 2.24 -6.44
N LEU A 431 -15.19 3.31 -5.68
CA LEU A 431 -15.59 3.30 -4.31
C LEU A 431 -17.04 3.79 -4.24
N LEU A 432 -17.98 2.88 -4.00
CA LEU A 432 -19.41 3.20 -4.09
C LEU A 432 -19.97 3.75 -2.78
N ALA A 433 -19.42 3.30 -1.65
CA ALA A 433 -19.88 3.68 -0.35
C ALA A 433 -18.80 3.44 0.74
N GLN A 434 -18.85 4.26 1.76
CA GLN A 434 -17.99 4.10 2.99
C GLN A 434 -18.80 4.67 4.12
N GLY A 435 -18.80 4.03 5.30
CA GLY A 435 -19.63 4.52 6.38
C GLY A 435 -19.39 3.84 7.70
N PHE A 436 -20.22 4.17 8.69
CA PHE A 436 -20.08 3.77 10.10
C PHE A 436 -21.33 3.08 10.56
N GLY A 437 -21.17 2.15 11.49
CA GLY A 437 -22.28 1.32 11.95
C GLY A 437 -22.67 0.21 10.97
N GLN A 438 -23.88 -0.28 11.15
CA GLN A 438 -24.31 -1.41 10.35
C GLN A 438 -24.61 -1.03 8.94
N PHE A 439 -24.36 -1.98 8.05
CA PHE A 439 -24.61 -1.79 6.68
C PHE A 439 -26.11 -2.12 6.47
N ASN A 440 -26.76 -1.25 5.72
CA ASN A 440 -28.23 -1.26 5.53
C ASN A 440 -28.56 -1.46 4.05
N PRO A 441 -28.70 -2.74 3.61
CA PRO A 441 -28.91 -2.98 2.17
C PRO A 441 -30.19 -2.34 1.65
N GLN A 442 -31.20 -2.13 2.48
CA GLN A 442 -32.41 -1.39 2.07
C GLN A 442 -32.17 0.13 1.89
N ASN A 443 -31.37 0.73 2.80
CA ASN A 443 -31.14 2.20 2.90
C ASN A 443 -29.90 2.77 2.23
N VAL A 444 -28.86 1.97 2.07
CA VAL A 444 -27.53 2.54 1.71
C VAL A 444 -27.62 3.12 0.32
N THR A 445 -26.89 4.18 0.04
CA THR A 445 -26.92 4.69 -1.29
C THR A 445 -25.56 4.46 -1.89
N LEU A 446 -25.57 4.02 -3.13
CA LEU A 446 -24.32 3.62 -3.81
C LEU A 446 -24.00 4.70 -4.82
N LYS A 447 -22.80 5.28 -4.73
CA LYS A 447 -22.48 6.35 -5.66
C LYS A 447 -21.98 5.74 -7.00
N THR A 448 -22.76 5.90 -8.07
CA THR A 448 -22.35 5.27 -9.30
C THR A 448 -21.94 6.28 -10.36
N HIS A 449 -22.26 7.57 -10.08
CA HIS A 449 -21.93 8.65 -11.02
C HIS A 449 -20.54 9.22 -10.59
N ASN A 450 -19.56 8.88 -11.41
CA ASN A 450 -18.15 9.21 -11.21
C ASN A 450 -17.69 9.14 -9.76
N PRO A 451 -17.85 7.97 -9.16
CA PRO A 451 -17.38 7.73 -7.85
C PRO A 451 -15.83 7.89 -7.71
N PRO A 452 -15.32 8.05 -6.47
CA PRO A 452 -13.84 8.00 -6.33
C PRO A 452 -13.38 6.66 -6.91
N ARG A 453 -12.21 6.67 -7.44
CA ARG A 453 -11.66 5.46 -8.08
C ARG A 453 -10.21 5.42 -7.59
N ARG A 454 -9.78 4.25 -7.10
CA ARG A 454 -8.41 4.17 -6.54
C ARG A 454 -8.11 2.72 -6.21
N ASP A 455 -6.97 2.42 -5.63
CA ASP A 455 -6.67 1.03 -5.39
C ASP A 455 -6.66 0.69 -3.89
N THR A 456 -6.79 1.66 -2.98
CA THR A 456 -6.70 1.38 -1.50
C THR A 456 -7.67 2.38 -0.85
N ALA A 457 -8.66 1.87 -0.10
CA ALA A 457 -9.56 2.75 0.66
C ALA A 457 -9.87 2.15 2.07
N LEU A 458 -10.25 2.99 3.01
CA LEU A 458 -10.60 2.50 4.33
C LEU A 458 -12.00 1.89 4.39
N MET A 459 -12.08 0.81 5.12
CA MET A 459 -13.30 0.37 5.76
C MET A 459 -13.24 1.11 7.08
N THR A 460 -14.01 2.19 7.12
CA THR A 460 -14.10 3.01 8.29
C THR A 460 -14.89 2.26 9.35
N ALA A 461 -14.71 2.68 10.60
CA ALA A 461 -15.38 2.06 11.73
C ALA A 461 -15.77 3.12 12.71
N ALA A 462 -16.96 2.97 13.26
CA ALA A 462 -17.30 3.81 14.43
C ALA A 462 -16.51 3.51 15.72
N THR A 463 -16.44 4.50 16.63
CA THR A 463 -15.76 4.30 17.89
C THR A 463 -16.67 3.47 18.79
N PRO A 464 -16.10 2.85 19.84
CA PRO A 464 -16.91 2.02 20.73
C PRO A 464 -18.05 2.82 21.33
N GLU A 465 -17.77 4.06 21.68
CA GLU A 465 -18.80 4.86 22.28
C GLU A 465 -19.95 5.10 21.33
N ASN A 466 -19.71 5.06 20.04
CA ASN A 466 -20.80 5.17 19.07
C ASN A 466 -21.30 3.82 18.52
N GLY A 467 -20.97 2.72 19.19
CA GLY A 467 -21.48 1.38 18.83
C GLY A 467 -20.56 0.55 17.96
N GLY A 468 -19.41 1.11 17.56
CA GLY A 468 -18.52 0.30 16.67
C GLY A 468 -19.04 -0.02 15.26
N GLY A 469 -18.18 -0.68 14.49
CA GLY A 469 -18.55 -1.12 13.13
C GLY A 469 -18.52 -0.10 12.01
N GLY A 470 -18.47 -0.63 10.78
CA GLY A 470 -18.53 0.15 9.51
C GLY A 470 -18.36 -0.71 8.27
N TYR A 471 -18.25 -0.06 7.10
CA TYR A 471 -18.21 -0.85 5.87
C TYR A 471 -17.66 0.06 4.77
N MET A 472 -17.20 -0.58 3.71
CA MET A 472 -17.03 0.09 2.44
C MET A 472 -17.57 -0.80 1.32
N VAL A 473 -17.98 -0.19 0.21
CA VAL A 473 -18.47 -0.96 -0.89
C VAL A 473 -17.70 -0.51 -2.11
N ILE A 474 -17.11 -1.47 -2.79
CA ILE A 474 -16.43 -1.19 -4.09
C ILE A 474 -17.02 -1.96 -5.21
N GLY A 475 -16.87 -1.44 -6.45
CA GLY A 475 -17.19 -2.23 -7.60
C GLY A 475 -16.03 -2.24 -8.58
N PHE A 476 -15.88 -3.33 -9.30
CA PHE A 476 -14.95 -3.37 -10.43
C PHE A 476 -15.36 -4.40 -11.44
N PRO A 477 -15.10 -4.14 -12.75
CA PRO A 477 -15.43 -5.09 -13.80
C PRO A 477 -14.32 -6.09 -13.92
N ALA A 478 -14.64 -7.31 -14.37
CA ALA A 478 -13.68 -8.40 -14.59
C ALA A 478 -12.93 -8.12 -15.88
N ASP A 479 -12.02 -7.15 -15.85
CA ASP A 479 -11.36 -6.72 -17.10
C ASP A 479 -9.93 -7.20 -17.18
N ASN A 480 -9.51 -8.01 -16.18
CA ASN A 480 -8.13 -8.39 -16.06
C ASN A 480 -7.94 -9.80 -15.57
N PRO A 481 -7.75 -10.81 -16.48
CA PRO A 481 -7.63 -12.14 -15.94
C PRO A 481 -6.46 -12.32 -14.94
N GLY A 482 -6.71 -12.97 -13.84
CA GLY A 482 -5.57 -13.27 -12.96
C GLY A 482 -6.05 -13.69 -11.61
N VAL A 483 -5.09 -13.97 -10.72
CA VAL A 483 -5.46 -14.14 -9.29
CA VAL A 483 -5.39 -14.18 -9.29
C VAL A 483 -4.94 -12.90 -8.57
N TRP A 484 -5.89 -12.18 -8.04
CA TRP A 484 -5.65 -10.81 -7.54
C TRP A 484 -5.92 -10.78 -6.02
N LEU A 485 -4.92 -10.36 -5.20
CA LEU A 485 -5.13 -10.32 -3.73
C LEU A 485 -6.04 -9.13 -3.42
N ILE A 486 -6.94 -9.29 -2.46
CA ILE A 486 -7.62 -8.14 -1.92
C ILE A 486 -7.41 -8.36 -0.44
N HIS A 487 -6.95 -7.32 0.29
CA HIS A 487 -6.57 -7.56 1.66
C HIS A 487 -6.44 -6.27 2.48
N CYS A 488 -6.24 -6.43 3.77
CA CYS A 488 -6.02 -5.26 4.62
C CYS A 488 -4.52 -4.92 4.40
N HIS A 489 -4.25 -3.66 4.17
CA HIS A 489 -2.84 -3.25 3.99
C HIS A 489 -1.93 -3.23 5.22
N ILE A 490 -2.48 -3.37 6.44
CA ILE A 490 -1.69 -3.45 7.66
C ILE A 490 -0.99 -4.82 7.62
N GLY A 491 0.34 -4.77 7.68
CA GLY A 491 1.15 -5.97 7.31
C GLY A 491 0.86 -7.10 8.31
N PHE A 492 0.72 -6.74 9.57
CA PHE A 492 0.43 -7.72 10.64
C PHE A 492 -0.95 -8.37 10.34
N HIS A 493 -1.96 -7.58 9.99
CA HIS A 493 -3.29 -8.17 9.73
C HIS A 493 -3.29 -9.13 8.56
N ALA A 494 -2.76 -8.72 7.40
CA ALA A 494 -2.66 -9.59 6.24
C ALA A 494 -1.93 -10.95 6.48
N THR A 495 -0.78 -10.86 7.09
CA THR A 495 0.01 -12.02 7.50
CA THR A 495 -0.04 -12.10 7.41
C THR A 495 -0.77 -12.92 8.46
N GLU A 496 -1.57 -12.29 9.30
CA GLU A 496 -2.50 -13.03 10.17
C GLU A 496 -3.79 -13.56 9.50
N GLY A 497 -3.98 -13.37 8.19
CA GLY A 497 -5.16 -13.95 7.57
C GLY A 497 -6.14 -12.99 6.89
N PHE A 498 -5.96 -11.69 6.99
CA PHE A 498 -6.94 -10.74 6.46
C PHE A 498 -6.71 -10.54 4.98
N ALA A 499 -7.24 -11.42 4.16
CA ALA A 499 -6.98 -11.38 2.69
C ALA A 499 -7.89 -12.46 2.06
N GLN A 500 -8.24 -12.24 0.79
CA GLN A 500 -9.04 -13.13 -0.01
C GLN A 500 -8.38 -13.02 -1.41
N GLN A 501 -8.61 -14.00 -2.26
CA GLN A 501 -8.05 -13.89 -3.65
C GLN A 501 -9.17 -13.85 -4.64
N ILE A 502 -9.12 -12.88 -5.51
CA ILE A 502 -10.12 -12.81 -6.56
C ILE A 502 -9.56 -13.72 -7.70
N VAL A 503 -10.30 -14.76 -8.09
CA VAL A 503 -9.89 -15.61 -9.21
C VAL A 503 -10.67 -15.07 -10.37
N GLU A 504 -9.99 -14.28 -11.16
CA GLU A 504 -10.65 -13.56 -12.28
C GLU A 504 -10.40 -14.15 -13.66
N ARG A 505 -11.51 -14.54 -14.37
CA ARG A 505 -11.40 -15.08 -15.73
C ARG A 505 -10.44 -16.25 -15.83
N GLN A 506 -10.65 -17.19 -14.90
CA GLN A 506 -9.83 -18.39 -14.76
C GLN A 506 -9.56 -19.18 -16.07
N SER A 507 -10.56 -19.26 -16.95
CA SER A 507 -10.41 -19.99 -18.23
C SER A 507 -9.49 -19.32 -19.21
N GLU A 508 -9.03 -18.11 -18.89
CA GLU A 508 -8.13 -17.33 -19.70
C GLU A 508 -6.72 -17.16 -19.06
N PHE A 509 -6.37 -18.00 -18.10
CA PHE A 509 -5.05 -17.80 -17.49
C PHE A 509 -3.93 -18.09 -18.48
N ASN A 510 -4.18 -19.00 -19.43
CA ASN A 510 -3.21 -19.35 -20.47
C ASN A 510 -2.95 -18.19 -21.42
N THR A 511 -3.63 -17.08 -21.18
CA THR A 511 -3.39 -15.86 -21.92
C THR A 511 -2.09 -15.18 -21.45
N PHE A 512 -1.71 -15.37 -20.18
CA PHE A 512 -0.54 -14.73 -19.65
C PHE A 512 0.47 -15.71 -19.08
N PHE A 513 0.03 -16.93 -18.77
CA PHE A 513 0.80 -17.77 -17.82
C PHE A 513 2.05 -18.37 -18.44
N SER A 514 3.14 -18.45 -17.65
CA SER A 514 4.35 -19.12 -18.09
C SER A 514 4.76 -20.11 -17.07
N GLU A 515 4.71 -21.41 -17.40
CA GLU A 515 5.18 -22.43 -16.43
C GLU A 515 6.65 -22.26 -16.10
N ASP A 516 7.50 -21.91 -17.07
CA ASP A 516 8.97 -21.81 -16.77
C ASP A 516 9.30 -20.71 -15.76
N LEU A 517 8.65 -19.56 -15.93
CA LEU A 517 8.74 -18.43 -15.01
C LEU A 517 8.27 -18.83 -13.60
N LEU A 518 7.22 -19.65 -13.52
CA LEU A 518 6.76 -20.12 -12.22
C LEU A 518 7.73 -21.16 -11.65
N GLU A 519 8.08 -22.20 -12.44
CA GLU A 519 8.84 -23.34 -11.89
C GLU A 519 10.28 -23.06 -11.53
N ASN A 520 10.96 -22.23 -12.32
CA ASN A 520 12.36 -21.87 -11.95
C ASN A 520 12.50 -21.36 -10.56
N THR A 521 11.63 -20.41 -10.23
CA THR A 521 11.63 -19.92 -8.88
C THR A 521 11.06 -20.91 -7.90
N CYS A 522 10.01 -21.65 -8.29
CA CYS A 522 9.53 -22.68 -7.35
C CYS A 522 10.59 -23.77 -7.03
N ASP A 523 11.33 -24.24 -8.05
CA ASP A 523 12.39 -25.21 -7.80
C ASP A 523 13.53 -24.64 -6.89
N ALA A 524 13.88 -23.38 -7.13
CA ALA A 524 14.94 -22.67 -6.32
C ALA A 524 14.49 -22.61 -4.85
N TRP A 525 13.21 -22.27 -4.72
CA TRP A 525 12.63 -22.17 -3.39
C TRP A 525 12.60 -23.51 -2.67
N ASP A 526 12.14 -24.57 -3.29
CA ASP A 526 12.21 -25.84 -2.62
C ASP A 526 13.63 -26.28 -2.26
N GLU A 527 14.61 -25.91 -3.05
CA GLU A 527 15.99 -26.27 -2.79
C GLU A 527 16.47 -25.59 -1.53
N TYR A 528 16.15 -24.31 -1.43
CA TYR A 528 16.40 -23.54 -0.23
C TYR A 528 15.68 -24.07 0.98
N ALA A 529 14.43 -24.51 0.85
CA ALA A 529 13.66 -24.97 2.04
C ALA A 529 14.24 -26.29 2.58
N LYS A 530 14.93 -27.01 1.72
CA LYS A 530 15.56 -28.28 2.11
C LYS A 530 16.71 -28.04 3.05
N VAL A 531 17.40 -26.90 2.90
CA VAL A 531 18.59 -26.60 3.74
C VAL A 531 18.44 -25.50 4.81
N ASN A 532 17.35 -24.72 4.76
CA ASN A 532 17.22 -23.56 5.64
C ASN A 532 15.85 -23.57 6.24
N PRO A 533 15.75 -23.63 7.57
CA PRO A 533 14.43 -23.73 8.22
C PRO A 533 13.51 -22.51 8.00
N TYR A 534 14.09 -21.36 7.63
CA TYR A 534 13.28 -20.18 7.25
C TYR A 534 12.56 -20.38 5.90
N GLY A 535 12.99 -21.38 5.13
CA GLY A 535 12.31 -21.78 3.93
C GLY A 535 10.98 -22.51 4.12
N HIS A 536 10.70 -23.01 5.30
CA HIS A 536 9.42 -23.69 5.55
C HIS A 536 8.45 -22.68 6.15
N GLN A 537 7.20 -22.72 5.73
CA GLN A 537 6.25 -21.70 6.14
C GLN A 537 5.58 -22.11 7.42
N TYR A 538 5.58 -21.25 8.42
CA TYR A 538 4.98 -21.64 9.67
C TYR A 538 3.46 -21.41 9.56
N ARG A 539 2.66 -22.48 9.56
CA ARG A 539 1.19 -22.33 9.47
C ARG A 539 0.35 -22.91 10.64
N ALA A 540 1.03 -23.21 11.72
CA ALA A 540 0.41 -23.77 12.91
C ALA A 540 0.06 -22.67 13.92
N LEU A 541 -0.30 -23.04 15.13
CA LEU A 541 -0.85 -22.04 16.04
C LEU A 541 -0.09 -21.75 17.33
N ALA A 542 1.22 -21.96 17.29
CA ALA A 542 2.07 -21.78 18.44
C ALA A 542 3.42 -21.20 17.98
N GLY A 543 3.39 -20.13 17.19
CA GLY A 543 4.63 -19.58 16.69
C GLY A 543 4.16 -18.52 15.70
N PRO A 544 5.01 -18.14 14.73
CA PRO A 544 4.72 -16.96 13.91
C PRO A 544 3.96 -17.32 12.69
N TYR A 545 2.65 -17.51 12.88
CA TYR A 545 1.70 -17.79 11.78
C TYR A 545 1.89 -16.94 10.51
N GLU A 546 2.06 -17.62 9.37
CA GLU A 546 2.13 -16.96 8.07
CA GLU A 546 2.12 -16.94 8.06
C GLU A 546 0.92 -17.37 7.22
N SER A 547 0.03 -16.40 6.90
CA SER A 547 -1.10 -16.68 6.02
C SER A 547 -0.69 -17.12 4.56
N GLY A 548 0.51 -16.70 4.14
CA GLY A 548 1.10 -17.01 2.86
C GLY A 548 1.34 -15.70 2.14
N ILE A 549 0.67 -14.71 2.70
CA ILE A 549 0.72 -13.29 2.47
C ILE A 549 -0.47 -12.83 1.64
#